data_5NZI
#
_entry.id   5NZI
#
_cell.length_a   79.390
_cell.length_b   88.180
_cell.length_c   137.370
_cell.angle_alpha   90.00
_cell.angle_beta   90.00
_cell.angle_gamma   90.00
#
_symmetry.space_group_name_H-M   'C 2 2 21'
#
loop_
_entity.id
_entity.type
_entity.pdbx_description
1 polymer 'UDP-glucose pyrophosphorylase'
2 non-polymer "URIDINE-5'-DIPHOSPHATE-GLUCOSE"
3 non-polymer 1,2-ETHANEDIOL
4 water water
#
_entity_poly.entity_id   1
_entity_poly.type   'polypeptide(L)'
_entity_poly.pdbx_seq_one_letter_code
;MENDMKSLSAAAQACVKKMRDAKVNEACIRTFIAQHVMVSKGETGSIPDSAIMPVDSLDALDSLTIECDNAVLQSTVVLK
LNGGLGTGMGLCDAKTLLEVKDGKTFLDFTALQVQYLRQHCSEHLRFMLMDSFNTSASTKSFLKARYPWLYQVFDSEVEL
MQNQVPKILQDTLEPAAWAENPAYEWAPPGHGDIYTALYGSGKLQELVEQGYRYMFVSNGDNLGATIDKRVLAYMEKEKI
DFLMEVCRRTESDKKGGHLARQTVYVKGKDGQPDAEKRVLLLRESAQCPKADMESFQDINKYSFFNTNNLWIRLPVLLET
MQEHGGTLPLPVIRNEKTVDSSNSASPKVYQLETAMGAAIAMFESASAIVVPRFRFAPVKTCADLLALRSDAYVVTDDFR
LVLDDRCHGHPPVVDLDSAHYKMMNGFEKLVQHGVPSLVECKRVTVKGLVQFGAGNVLTGTVTIENTDSASAFVIPDGAK
LNDTTASPQQSTNKMRPLEHHHHHH
;
_entity_poly.pdbx_strand_id   A
#
loop_
_chem_comp.id
_chem_comp.type
_chem_comp.name
_chem_comp.formula
EDO non-polymer 1,2-ETHANEDIOL 'C2 H6 O2'
UPG non-polymer URIDINE-5'-DIPHOSPHATE-GLUCOSE 'C15 H24 N2 O17 P2'
#
# COMPACT_ATOMS: atom_id res chain seq x y z
N SER A 7 -5.86 -5.43 -33.94
CA SER A 7 -5.09 -4.27 -34.35
C SER A 7 -5.52 -2.95 -33.67
N LEU A 8 -4.53 -2.19 -33.23
CA LEU A 8 -4.74 -1.11 -32.28
C LEU A 8 -5.21 0.17 -32.95
N SER A 9 -5.91 0.99 -32.17
CA SER A 9 -6.26 2.33 -32.58
C SER A 9 -5.00 3.15 -32.88
N ALA A 10 -5.21 4.26 -33.56
CA ALA A 10 -4.11 5.18 -33.81
C ALA A 10 -3.50 5.67 -32.50
N ALA A 11 -4.34 5.95 -31.50
CA ALA A 11 -3.80 6.43 -30.22
C ALA A 11 -3.00 5.33 -29.54
N ALA A 12 -3.49 4.10 -29.59
CA ALA A 12 -2.78 3.03 -28.92
C ALA A 12 -1.45 2.75 -29.59
N GLN A 13 -1.43 2.78 -30.92
CA GLN A 13 -0.16 2.70 -31.65
C GLN A 13 0.77 3.86 -31.32
N ALA A 14 0.22 5.06 -31.16
CA ALA A 14 1.08 6.15 -30.68
C ALA A 14 1.67 5.86 -29.30
N CYS A 15 0.92 5.17 -28.42
CA CYS A 15 1.51 4.80 -27.12
C CYS A 15 2.58 3.72 -27.25
N VAL A 16 2.34 2.69 -28.08
CA VAL A 16 3.37 1.69 -28.33
C VAL A 16 4.66 2.36 -28.85
N LYS A 17 4.55 3.20 -29.87
CA LYS A 17 5.72 3.84 -30.46
C LYS A 17 6.51 4.63 -29.42
N LYS A 18 5.81 5.51 -28.67
CA LYS A 18 6.45 6.25 -27.58
C LYS A 18 7.13 5.31 -26.61
N MET A 19 6.43 4.23 -26.21
CA MET A 19 7.02 3.39 -25.18
C MET A 19 8.21 2.61 -25.73
N ARG A 20 8.15 2.21 -27.01
CA ARG A 20 9.27 1.49 -27.62
C ARG A 20 10.47 2.40 -27.83
N ASP A 21 10.24 3.61 -28.36
CA ASP A 21 11.33 4.57 -28.51
C ASP A 21 12.06 4.83 -27.21
N ALA A 22 11.36 4.79 -26.08
CA ALA A 22 11.98 4.98 -24.80
C ALA A 22 12.49 3.69 -24.21
N LYS A 23 12.48 2.59 -24.97
CA LYS A 23 13.02 1.33 -24.46
C LYS A 23 12.23 0.82 -23.24
N VAL A 24 10.93 1.10 -23.17
CA VAL A 24 10.13 0.49 -22.13
C VAL A 24 10.04 -1.02 -22.34
N ASN A 25 10.18 -1.76 -21.26
CA ASN A 25 10.00 -3.20 -21.26
C ASN A 25 8.75 -3.59 -22.06
N GLU A 26 8.90 -4.64 -22.90
CA GLU A 26 7.78 -5.18 -23.67
C GLU A 26 6.66 -5.74 -22.81
N ALA A 27 6.99 -6.43 -21.71
CA ALA A 27 5.93 -6.85 -20.78
C ALA A 27 5.08 -5.67 -20.31
N CYS A 28 5.70 -4.53 -20.08
CA CYS A 28 4.95 -3.36 -19.65
C CYS A 28 4.11 -2.79 -20.78
N ILE A 29 4.69 -2.68 -21.97
CA ILE A 29 3.92 -2.22 -23.13
C ILE A 29 2.68 -3.08 -23.33
N ARG A 30 2.86 -4.41 -23.33
CA ARG A 30 1.74 -5.31 -23.52
C ARG A 30 0.67 -5.07 -22.43
N THR A 31 1.09 -5.02 -21.16
CA THR A 31 0.15 -4.80 -20.06
C THR A 31 -0.58 -3.47 -20.21
N PHE A 32 0.14 -2.40 -20.53
CA PHE A 32 -0.49 -1.09 -20.66
C PHE A 32 -1.46 -1.06 -21.83
N ILE A 33 -1.06 -1.63 -22.96
CA ILE A 33 -1.93 -1.56 -24.13
C ILE A 33 -3.23 -2.32 -23.88
N ALA A 34 -3.16 -3.44 -23.17
CA ALA A 34 -4.40 -4.13 -22.86
C ALA A 34 -5.30 -3.26 -22.00
N GLN A 35 -4.72 -2.45 -21.10
CA GLN A 35 -5.53 -1.52 -20.35
C GLN A 35 -6.05 -0.42 -21.25
N HIS A 36 -5.20 0.08 -22.14
CA HIS A 36 -5.59 1.16 -23.04
C HIS A 36 -6.78 0.75 -23.91
N VAL A 37 -6.84 -0.52 -24.27
CA VAL A 37 -7.98 -1.07 -25.01
C VAL A 37 -9.25 -1.02 -24.16
N MET A 38 -9.14 -1.45 -22.90
CA MET A 38 -10.27 -1.36 -21.99
C MET A 38 -10.77 0.07 -21.88
N VAL A 39 -9.87 1.00 -21.56
CA VAL A 39 -10.27 2.40 -21.41
C VAL A 39 -10.98 2.89 -22.67
N SER A 40 -10.38 2.63 -23.85
CA SER A 40 -10.98 3.14 -25.10
C SER A 40 -12.37 2.56 -25.35
N LYS A 41 -12.73 1.47 -24.68
CA LYS A 41 -14.07 0.92 -24.75
C LYS A 41 -14.96 1.37 -23.58
N GLY A 42 -14.47 2.24 -22.71
CA GLY A 42 -15.32 2.81 -21.69
C GLY A 42 -15.09 2.28 -20.29
N GLU A 43 -14.17 1.35 -20.09
CA GLU A 43 -13.78 0.96 -18.73
C GLU A 43 -13.27 2.18 -17.99
N THR A 44 -13.74 2.40 -16.78
CA THR A 44 -13.16 3.41 -15.90
C THR A 44 -12.46 2.82 -14.70
N GLY A 45 -12.60 1.52 -14.47
CA GLY A 45 -12.18 0.92 -13.22
C GLY A 45 -13.26 0.89 -12.16
N SER A 46 -14.35 1.62 -12.39
CA SER A 46 -15.43 1.71 -11.41
C SER A 46 -16.01 0.35 -11.11
N ILE A 47 -16.24 0.09 -9.84
CA ILE A 47 -16.94 -1.10 -9.37
C ILE A 47 -18.09 -0.66 -8.48
N PRO A 48 -19.32 -0.73 -8.96
CA PRO A 48 -20.46 -0.21 -8.20
C PRO A 48 -20.96 -1.20 -7.16
N ASP A 49 -21.59 -0.67 -6.12
CA ASP A 49 -22.01 -1.53 -5.03
C ASP A 49 -22.94 -2.62 -5.54
N SER A 50 -23.78 -2.30 -6.53
CA SER A 50 -24.73 -3.27 -7.04
C SER A 50 -24.04 -4.46 -7.70
N ALA A 51 -22.75 -4.38 -7.97
CA ALA A 51 -22.05 -5.43 -8.69
C ALA A 51 -21.28 -6.38 -7.76
N ILE A 52 -21.24 -6.07 -6.46
CA ILE A 52 -20.47 -6.84 -5.50
C ILE A 52 -21.34 -7.10 -4.28
N MET A 53 -20.82 -7.94 -3.40
CA MET A 53 -21.46 -8.31 -2.16
C MET A 53 -20.37 -8.41 -1.10
N PRO A 54 -20.69 -8.17 0.16
CA PRO A 54 -19.66 -8.25 1.21
C PRO A 54 -19.22 -9.69 1.48
N VAL A 55 -18.06 -9.80 2.13
CA VAL A 55 -17.51 -11.08 2.53
C VAL A 55 -17.91 -11.34 3.97
N ASP A 56 -18.48 -12.52 4.23
CA ASP A 56 -19.09 -12.72 5.54
C ASP A 56 -18.23 -13.53 6.49
N SER A 57 -17.35 -14.38 5.97
CA SER A 57 -16.54 -15.20 6.84
C SER A 57 -15.23 -15.51 6.14
N LEU A 58 -14.15 -15.48 6.92
CA LEU A 58 -12.81 -15.84 6.50
C LEU A 58 -12.15 -16.58 7.65
N ASP A 59 -11.11 -17.32 7.31
CA ASP A 59 -10.20 -17.83 8.33
C ASP A 59 -9.45 -16.67 8.98
N ALA A 60 -8.93 -16.92 10.16
CA ALA A 60 -8.25 -15.90 10.93
C ALA A 60 -6.86 -16.39 11.29
N LEU A 61 -5.89 -15.49 11.23
CA LEU A 61 -4.54 -15.86 11.63
C LEU A 61 -4.48 -16.28 13.09
N ASP A 62 -5.24 -15.61 13.99
CA ASP A 62 -5.16 -15.95 15.42
C ASP A 62 -5.55 -17.38 15.69
N SER A 63 -6.32 -17.98 14.80
CA SER A 63 -6.66 -19.38 14.94
C SER A 63 -5.53 -20.31 14.54
N LEU A 64 -4.61 -19.89 13.70
CA LEU A 64 -3.60 -20.81 13.20
C LEU A 64 -2.51 -21.02 14.24
N THR A 65 -1.90 -22.20 14.22
CA THR A 65 -0.84 -22.50 15.17
C THR A 65 0.36 -23.19 14.54
N ILE A 66 0.22 -23.85 13.39
CA ILE A 66 1.28 -24.68 12.82
C ILE A 66 2.28 -23.77 12.12
N GLU A 67 3.56 -23.96 12.37
CA GLU A 67 4.61 -23.24 11.68
C GLU A 67 5.17 -24.07 10.53
N CYS A 68 5.60 -23.38 9.47
CA CYS A 68 6.14 -24.02 8.28
C CYS A 68 7.57 -24.49 8.48
N ASP A 69 7.90 -25.62 7.83
CA ASP A 69 9.24 -26.15 8.02
C ASP A 69 10.27 -25.19 7.43
N ASN A 70 11.55 -25.53 7.63
CA ASN A 70 12.61 -24.59 7.28
C ASN A 70 12.73 -24.43 5.78
N ALA A 71 12.50 -25.51 5.05
CA ALA A 71 12.56 -25.42 3.59
C ALA A 71 11.66 -24.30 3.10
N VAL A 72 10.38 -24.33 3.50
CA VAL A 72 9.46 -23.30 3.04
C VAL A 72 9.99 -21.94 3.44
N LEU A 73 10.37 -21.79 4.70
CA LEU A 73 10.86 -20.49 5.14
C LEU A 73 11.99 -20.01 4.24
N GLN A 74 12.91 -20.91 3.92
CA GLN A 74 14.05 -20.53 3.10
C GLN A 74 13.64 -20.18 1.68
N SER A 75 12.51 -20.72 1.22
CA SER A 75 12.04 -20.42 -0.12
C SER A 75 11.24 -19.12 -0.21
N THR A 76 11.18 -18.32 0.89
CA THR A 76 10.41 -17.07 0.89
C THR A 76 11.32 -15.87 0.67
N VAL A 77 10.86 -14.96 -0.20
CA VAL A 77 11.47 -13.64 -0.47
C VAL A 77 10.58 -12.54 0.11
N VAL A 78 11.20 -11.45 0.57
CA VAL A 78 10.48 -10.33 1.19
C VAL A 78 10.68 -9.13 0.30
N LEU A 79 9.59 -8.44 -0.02
CA LEU A 79 9.70 -7.26 -0.87
C LEU A 79 8.92 -6.13 -0.21
N LYS A 80 9.50 -4.93 -0.19
CA LYS A 80 8.82 -3.76 0.34
C LYS A 80 8.55 -2.78 -0.79
N LEU A 81 7.32 -2.30 -0.89
CA LEU A 81 6.96 -1.31 -1.88
C LEU A 81 7.53 0.03 -1.45
N ASN A 82 8.11 0.73 -2.39
CA ASN A 82 8.85 1.94 -2.07
C ASN A 82 8.87 2.88 -3.25
N GLY A 83 7.81 2.89 -4.06
CA GLY A 83 7.87 3.60 -5.33
C GLY A 83 6.94 4.78 -5.48
N GLY A 84 5.99 4.91 -4.59
CA GLY A 84 5.05 5.99 -4.68
C GLY A 84 5.51 7.29 -4.14
N LEU A 85 4.72 8.30 -4.36
CA LEU A 85 4.98 9.59 -3.83
C LEU A 85 3.81 10.02 -2.98
N GLY A 86 4.01 10.27 -1.71
CA GLY A 86 2.92 10.68 -0.85
C GLY A 86 2.61 12.15 -0.96
N THR A 87 1.95 12.49 -2.03
CA THR A 87 1.64 13.84 -2.32
C THR A 87 0.76 14.43 -1.28
N GLY A 88 -0.26 13.70 -0.90
CA GLY A 88 -1.13 14.22 0.13
C GLY A 88 -0.43 14.69 1.38
N MET A 89 0.71 14.08 1.72
CA MET A 89 1.50 14.51 2.88
C MET A 89 2.53 15.59 2.53
N GLY A 90 2.47 16.12 1.32
CA GLY A 90 3.42 17.12 0.88
C GLY A 90 4.83 16.61 0.90
N LEU A 91 5.03 15.43 0.33
CA LEU A 91 6.35 14.82 0.20
C LEU A 91 6.73 14.82 -1.26
N CYS A 92 7.97 15.24 -1.56
CA CYS A 92 8.53 15.11 -2.90
C CYS A 92 9.55 13.99 -2.99
N ASP A 93 9.65 13.13 -1.98
CA ASP A 93 10.59 12.01 -2.03
C ASP A 93 10.02 10.83 -1.26
N ALA A 94 10.82 9.77 -1.16
CA ALA A 94 10.37 8.51 -0.58
C ALA A 94 9.82 8.72 0.83
N LYS A 95 8.56 8.32 1.01
CA LYS A 95 7.92 8.43 2.30
C LYS A 95 8.72 7.68 3.36
N THR A 96 9.30 6.54 2.99
CA THR A 96 9.96 5.67 3.94
C THR A 96 11.17 6.33 4.60
N LEU A 97 11.60 7.49 4.10
CA LEU A 97 12.68 8.24 4.75
C LEU A 97 12.24 9.08 5.93
N LEU A 98 10.96 9.40 6.07
CA LEU A 98 10.52 10.16 7.25
C LEU A 98 10.81 9.40 8.54
N GLU A 99 11.09 10.14 9.61
CA GLU A 99 11.30 9.55 10.93
C GLU A 99 9.99 9.05 11.51
N VAL A 100 10.03 7.87 12.13
CA VAL A 100 8.86 7.35 12.83
C VAL A 100 9.08 7.25 14.34
N LYS A 101 10.29 7.05 14.80
CA LYS A 101 10.60 7.11 16.21
C LYS A 101 11.90 7.87 16.30
N ASP A 102 12.24 8.32 17.49
CA ASP A 102 13.33 9.28 17.61
C ASP A 102 14.56 8.70 16.92
N GLY A 103 14.98 9.37 15.85
CA GLY A 103 16.17 8.99 15.13
C GLY A 103 16.01 7.88 14.14
N LYS A 104 14.80 7.36 13.90
CA LYS A 104 14.60 6.18 13.05
C LYS A 104 13.45 6.40 12.06
N THR A 105 13.72 6.06 10.80
CA THR A 105 12.82 6.15 9.66
C THR A 105 12.16 4.80 9.37
N PHE A 106 11.14 4.82 8.51
CA PHE A 106 10.57 3.55 8.07
C PHE A 106 11.66 2.63 7.53
N LEU A 107 12.61 3.19 6.75
CA LEU A 107 13.68 2.40 6.17
C LEU A 107 14.51 1.74 7.27
N ASP A 108 14.90 2.53 8.28
CA ASP A 108 15.64 2.02 9.43
C ASP A 108 14.99 0.77 10.01
N PHE A 109 13.71 0.86 10.40
CA PHE A 109 13.04 -0.32 10.95
C PHE A 109 12.94 -1.44 9.90
N THR A 110 12.66 -1.09 8.64
CA THR A 110 12.67 -2.12 7.59
C THR A 110 14.00 -2.88 7.58
N ALA A 111 15.12 -2.16 7.54
CA ALA A 111 16.42 -2.85 7.53
C ALA A 111 16.62 -3.65 8.80
N LEU A 112 16.13 -3.14 9.95
CA LEU A 112 16.34 -3.86 11.20
C LEU A 112 15.50 -5.13 11.21
N GLN A 113 14.31 -5.07 10.62
CA GLN A 113 13.51 -6.27 10.47
C GLN A 113 14.28 -7.35 9.71
N VAL A 114 14.94 -6.95 8.61
CA VAL A 114 15.67 -7.89 7.76
C VAL A 114 16.91 -8.43 8.47
N GLN A 115 17.63 -7.56 9.18
CA GLN A 115 18.81 -7.98 9.94
C GLN A 115 18.44 -9.02 11.00
N TYR A 116 17.42 -8.73 11.79
CA TYR A 116 16.93 -9.65 12.80
C TYR A 116 16.56 -10.99 12.18
N LEU A 117 15.65 -10.97 11.19
CA LEU A 117 15.24 -12.21 10.53
C LEU A 117 16.43 -13.04 10.06
N ARG A 118 17.43 -12.39 9.46
CA ARG A 118 18.62 -13.12 9.05
C ARG A 118 19.36 -13.71 10.25
N GLN A 119 19.26 -13.09 11.41
CA GLN A 119 20.00 -13.64 12.55
C GLN A 119 19.25 -14.80 13.20
N HIS A 120 17.93 -14.81 13.13
CA HIS A 120 17.15 -15.71 13.95
C HIS A 120 16.25 -16.67 13.19
N CYS A 121 16.04 -16.49 11.89
CA CYS A 121 15.08 -17.34 11.18
C CYS A 121 15.70 -17.96 9.95
N SER A 122 16.08 -17.14 8.96
CA SER A 122 16.74 -17.62 7.73
C SER A 122 17.97 -16.79 7.43
N GLU A 123 19.14 -17.42 7.48
CA GLU A 123 20.42 -16.73 7.31
C GLU A 123 20.48 -15.97 5.98
N HIS A 124 19.92 -16.54 4.90
CA HIS A 124 20.07 -16.01 3.55
C HIS A 124 18.78 -15.42 2.99
N LEU A 125 18.07 -14.68 3.84
CA LEU A 125 16.82 -14.08 3.43
C LEU A 125 17.07 -13.12 2.28
N ARG A 126 16.32 -13.30 1.18
CA ARG A 126 16.36 -12.36 0.08
C ARG A 126 15.39 -11.21 0.34
N PHE A 127 15.90 -9.98 0.27
CA PHE A 127 15.10 -8.78 0.52
C PHE A 127 15.14 -7.84 -0.66
N MET A 128 13.97 -7.30 -1.00
CA MET A 128 13.85 -6.43 -2.16
C MET A 128 13.02 -5.18 -1.83
N LEU A 129 13.36 -4.10 -2.55
CA LEU A 129 12.62 -2.84 -2.50
C LEU A 129 12.20 -2.52 -3.90
N MET A 130 10.93 -2.19 -4.09
CA MET A 130 10.50 -1.70 -5.40
C MET A 130 10.54 -0.18 -5.34
N ASP A 131 11.50 0.40 -6.11
CA ASP A 131 11.71 1.84 -6.19
C ASP A 131 11.13 2.36 -7.50
N SER A 132 11.05 3.68 -7.61
CA SER A 132 10.66 4.26 -8.89
C SER A 132 11.68 5.32 -9.26
N PHE A 133 11.48 5.94 -10.43
CA PHE A 133 12.28 7.10 -10.82
C PHE A 133 12.34 8.12 -9.68
N ASN A 134 11.21 8.39 -9.04
CA ASN A 134 11.15 9.47 -8.07
C ASN A 134 11.77 9.13 -6.72
N THR A 135 12.11 7.84 -6.46
CA THR A 135 12.51 7.39 -5.12
C THR A 135 13.81 6.60 -5.07
N SER A 136 14.30 6.11 -6.21
CA SER A 136 15.47 5.24 -6.22
C SER A 136 16.68 5.95 -5.66
N ALA A 137 16.89 7.20 -6.09
CA ALA A 137 18.10 7.92 -5.71
C ALA A 137 18.21 8.03 -4.20
N SER A 138 17.19 8.58 -3.55
CA SER A 138 17.33 8.88 -2.13
C SER A 138 17.41 7.60 -1.32
N THR A 139 16.76 6.54 -1.79
CA THR A 139 16.77 5.27 -1.08
C THR A 139 18.18 4.69 -1.05
N LYS A 140 18.81 4.63 -2.22
CA LYS A 140 20.15 4.05 -2.30
C LYS A 140 21.14 4.82 -1.41
N SER A 141 21.09 6.15 -1.44
CA SER A 141 22.09 6.87 -0.63
C SER A 141 21.81 6.72 0.86
N PHE A 142 20.55 6.53 1.23
CA PHE A 142 20.29 6.26 2.63
C PHE A 142 20.96 4.97 3.05
N LEU A 143 20.75 3.89 2.28
CA LEU A 143 21.36 2.60 2.62
C LEU A 143 22.88 2.67 2.61
N LYS A 144 23.45 3.42 1.67
CA LYS A 144 24.91 3.60 1.65
C LYS A 144 25.43 4.08 2.99
N ALA A 145 24.71 5.00 3.62
CA ALA A 145 25.16 5.57 4.88
C ALA A 145 24.94 4.65 6.07
N ARG A 146 23.83 3.90 6.11
CA ARG A 146 23.46 3.24 7.36
C ARG A 146 23.50 1.73 7.34
N TYR A 147 23.33 1.08 6.18
CA TYR A 147 23.33 -0.38 6.11
C TYR A 147 24.13 -0.81 4.90
N PRO A 148 25.45 -0.82 5.00
CA PRO A 148 26.28 -1.12 3.83
C PRO A 148 26.06 -2.50 3.29
N TRP A 149 25.63 -3.44 4.12
CA TRP A 149 25.45 -4.79 3.60
C TRP A 149 24.32 -4.83 2.59
N LEU A 150 23.32 -3.96 2.72
CA LEU A 150 22.30 -3.84 1.68
C LEU A 150 22.83 -3.06 0.50
N TYR A 151 23.56 -1.97 0.77
CA TYR A 151 24.09 -1.20 -0.33
C TYR A 151 24.93 -2.06 -1.26
N GLN A 152 25.72 -3.00 -0.71
CA GLN A 152 26.62 -3.80 -1.55
C GLN A 152 25.86 -4.56 -2.64
N VAL A 153 24.67 -5.05 -2.32
CA VAL A 153 23.90 -5.78 -3.28
C VAL A 153 22.67 -5.01 -3.71
N PHE A 154 22.67 -3.69 -3.55
CA PHE A 154 21.50 -2.90 -3.92
C PHE A 154 21.11 -3.18 -5.36
N ASP A 155 21.98 -2.82 -6.30
CA ASP A 155 21.68 -2.96 -7.70
C ASP A 155 21.60 -4.42 -8.10
N SER A 156 22.30 -5.30 -7.38
CA SER A 156 22.43 -6.69 -7.79
C SER A 156 21.24 -7.55 -7.38
N GLU A 157 20.62 -7.28 -6.24
CA GLU A 157 19.57 -8.19 -5.83
C GLU A 157 18.48 -7.51 -4.99
N VAL A 158 18.73 -6.27 -4.54
CA VAL A 158 17.73 -5.62 -3.71
C VAL A 158 16.70 -4.87 -4.54
N GLU A 159 17.13 -3.88 -5.29
CA GLU A 159 16.20 -2.99 -5.95
C GLU A 159 15.46 -3.67 -7.10
N LEU A 160 14.14 -3.50 -7.15
CA LEU A 160 13.35 -3.74 -8.35
C LEU A 160 12.86 -2.39 -8.81
N MET A 161 13.19 -2.01 -10.03
CA MET A 161 12.78 -0.71 -10.55
C MET A 161 11.42 -0.82 -11.19
N GLN A 162 10.50 0.06 -10.80
CA GLN A 162 9.22 -0.14 -11.42
C GLN A 162 9.15 0.61 -12.74
N ASN A 163 8.16 0.24 -13.54
CA ASN A 163 8.01 0.81 -14.87
C ASN A 163 7.47 2.24 -14.82
N GLN A 164 7.61 2.95 -15.95
CA GLN A 164 6.94 4.24 -16.16
C GLN A 164 6.08 4.05 -17.41
N VAL A 165 4.85 4.58 -17.37
CA VAL A 165 3.96 4.47 -18.53
C VAL A 165 3.44 5.84 -18.91
N PRO A 166 3.04 6.06 -20.15
CA PRO A 166 2.68 7.40 -20.60
C PRO A 166 1.34 7.84 -20.02
N LYS A 167 1.30 9.07 -19.53
CA LYS A 167 0.00 9.67 -19.26
C LYS A 167 -0.68 9.90 -20.61
N ILE A 168 -2.00 9.74 -20.67
CA ILE A 168 -2.70 9.87 -21.94
C ILE A 168 -3.76 10.96 -21.84
N LEU A 169 -3.89 11.72 -22.91
CA LEU A 169 -4.85 12.80 -22.94
C LEU A 169 -6.25 12.21 -22.88
N GLN A 170 -7.14 12.87 -22.13
CA GLN A 170 -8.52 12.41 -22.08
C GLN A 170 -9.20 12.57 -23.43
N ASP A 171 -8.89 13.66 -24.13
CA ASP A 171 -9.55 13.95 -25.39
C ASP A 171 -9.45 12.77 -26.35
N THR A 172 -8.24 12.25 -26.52
CA THR A 172 -7.92 11.34 -27.60
C THR A 172 -7.28 10.02 -27.18
N LEU A 173 -6.92 9.84 -25.91
CA LEU A 173 -6.19 8.69 -25.43
C LEU A 173 -4.77 8.62 -25.99
N GLU A 174 -4.31 9.64 -26.70
CA GLU A 174 -2.93 9.75 -27.16
C GLU A 174 -1.99 10.12 -26.02
N PRO A 175 -0.71 9.79 -26.16
CA PRO A 175 0.28 10.17 -25.13
C PRO A 175 0.33 11.68 -25.00
N ALA A 176 0.41 12.15 -23.77
CA ALA A 176 0.50 13.58 -23.51
C ALA A 176 1.92 14.08 -23.79
N ALA A 177 2.01 15.28 -24.36
CA ALA A 177 3.28 16.01 -24.48
C ALA A 177 3.30 17.14 -23.46
N TRP A 178 4.45 17.37 -22.81
CA TRP A 178 4.59 18.46 -21.86
C TRP A 178 5.98 19.08 -22.09
N ALA A 179 6.04 19.98 -23.07
CA ALA A 179 7.30 20.55 -23.52
C ALA A 179 8.13 21.08 -22.38
N GLU A 180 7.47 21.71 -21.40
CA GLU A 180 8.18 22.36 -20.32
C GLU A 180 8.94 21.36 -19.46
N ASN A 181 8.41 20.15 -19.31
CA ASN A 181 9.11 19.16 -18.52
C ASN A 181 8.62 17.78 -18.97
N PRO A 182 9.22 17.27 -20.04
CA PRO A 182 8.75 15.98 -20.60
C PRO A 182 8.74 14.85 -19.62
N ALA A 183 9.58 14.86 -18.58
CA ALA A 183 9.52 13.80 -17.59
C ALA A 183 8.13 13.65 -17.00
N TYR A 184 7.35 14.75 -16.99
CA TYR A 184 5.99 14.69 -16.48
C TYR A 184 5.02 13.97 -17.41
N GLU A 185 5.45 13.59 -18.63
CA GLU A 185 4.63 12.80 -19.54
C GLU A 185 4.49 11.36 -19.10
N TRP A 186 5.26 10.95 -18.10
CA TRP A 186 5.36 9.57 -17.65
C TRP A 186 4.98 9.45 -16.17
N ALA A 187 4.43 8.31 -15.80
CA ALA A 187 4.16 8.07 -14.38
C ALA A 187 4.28 6.59 -14.07
N PRO A 188 4.63 6.22 -12.83
CA PRO A 188 4.59 4.80 -12.44
C PRO A 188 3.14 4.32 -12.38
N PRO A 189 2.87 3.08 -12.78
CA PRO A 189 1.47 2.67 -12.97
C PRO A 189 0.83 1.98 -11.76
N GLY A 190 1.10 2.53 -10.59
CA GLY A 190 0.61 1.98 -9.35
C GLY A 190 1.42 0.77 -8.95
N HIS A 191 1.11 0.27 -7.73
CA HIS A 191 1.90 -0.86 -7.25
C HIS A 191 1.47 -2.21 -7.83
N GLY A 192 0.36 -2.28 -8.56
CA GLY A 192 0.10 -3.50 -9.31
C GLY A 192 1.15 -3.80 -10.35
N ASP A 193 2.02 -2.82 -10.64
CA ASP A 193 3.13 -2.96 -11.56
C ASP A 193 4.21 -3.89 -11.02
N ILE A 194 4.20 -4.18 -9.71
CA ILE A 194 5.20 -5.10 -9.18
C ILE A 194 5.26 -6.34 -10.05
N TYR A 195 4.10 -6.93 -10.40
CA TYR A 195 4.09 -8.17 -11.15
C TYR A 195 4.68 -7.98 -12.54
N THR A 196 4.29 -6.91 -13.20
CA THR A 196 4.84 -6.58 -14.51
C THR A 196 6.34 -6.43 -14.45
N ALA A 197 6.82 -5.64 -13.50
CA ALA A 197 8.23 -5.32 -13.41
C ALA A 197 9.05 -6.55 -13.08
N LEU A 198 8.54 -7.38 -12.15
CA LEU A 198 9.22 -8.61 -11.83
C LEU A 198 9.27 -9.53 -13.05
N TYR A 199 8.20 -9.56 -13.83
CA TYR A 199 8.13 -10.47 -14.95
C TYR A 199 9.01 -9.94 -16.08
N GLY A 200 8.88 -8.65 -16.39
CA GLY A 200 9.55 -8.09 -17.55
C GLY A 200 11.03 -8.02 -17.37
N SER A 201 11.50 -7.83 -16.15
CA SER A 201 12.93 -7.71 -15.94
C SER A 201 13.64 -9.05 -15.97
N GLY A 202 12.89 -10.16 -16.01
CA GLY A 202 13.47 -11.49 -15.84
C GLY A 202 13.68 -11.89 -14.40
N LYS A 203 13.34 -11.01 -13.48
CA LYS A 203 13.62 -11.23 -12.07
C LYS A 203 12.74 -12.36 -11.52
N LEU A 204 11.48 -12.40 -11.93
CA LEU A 204 10.57 -13.44 -11.45
C LEU A 204 11.08 -14.82 -11.87
N GLN A 205 11.42 -15.00 -13.16
CA GLN A 205 11.95 -16.30 -13.55
C GLN A 205 13.23 -16.61 -12.81
N GLU A 206 14.12 -15.62 -12.63
CA GLU A 206 15.34 -15.86 -11.84
C GLU A 206 14.99 -16.35 -10.44
N LEU A 207 14.07 -15.67 -9.80
CA LEU A 207 13.74 -16.07 -8.45
C LEU A 207 13.27 -17.50 -8.43
N VAL A 208 12.41 -17.87 -9.38
CA VAL A 208 11.94 -19.25 -9.44
C VAL A 208 13.09 -20.19 -9.74
N GLU A 209 14.00 -19.78 -10.63
CA GLU A 209 15.14 -20.64 -10.96
C GLU A 209 16.00 -20.91 -9.74
N GLN A 210 16.13 -19.92 -8.85
CA GLN A 210 16.99 -20.10 -7.69
C GLN A 210 16.32 -20.88 -6.57
N GLY A 211 15.05 -21.26 -6.74
CA GLY A 211 14.38 -22.07 -5.75
C GLY A 211 13.37 -21.33 -4.91
N TYR A 212 13.24 -20.01 -5.06
CA TYR A 212 12.29 -19.30 -4.23
C TYR A 212 10.88 -19.67 -4.66
N ARG A 213 9.99 -19.90 -3.69
CA ARG A 213 8.62 -20.27 -4.03
C ARG A 213 7.57 -19.26 -3.57
N TYR A 214 7.86 -18.47 -2.53
CA TYR A 214 6.90 -17.51 -2.02
C TYR A 214 7.49 -16.11 -1.99
N MET A 215 6.62 -15.12 -2.16
CA MET A 215 6.99 -13.74 -1.98
C MET A 215 6.03 -13.08 -1.00
N PHE A 216 6.57 -12.36 -0.02
CA PHE A 216 5.76 -11.63 0.94
C PHE A 216 6.00 -10.15 0.71
N VAL A 217 4.95 -9.45 0.27
CA VAL A 217 4.98 -8.06 -0.13
C VAL A 217 4.17 -7.25 0.88
N SER A 218 4.66 -6.06 1.21
CA SER A 218 3.89 -5.16 2.06
C SER A 218 4.24 -3.72 1.73
N ASN A 219 3.36 -2.81 2.15
CA ASN A 219 3.57 -1.37 2.00
C ASN A 219 4.81 -0.91 2.74
N GLY A 220 5.54 0.01 2.12
CA GLY A 220 6.69 0.59 2.76
C GLY A 220 6.33 1.27 4.07
N ASP A 221 5.14 1.88 4.15
CA ASP A 221 4.70 2.60 5.34
C ASP A 221 4.18 1.70 6.45
N ASN A 222 3.97 0.40 6.22
CA ASN A 222 3.39 -0.49 7.22
C ASN A 222 4.48 -1.28 7.93
N LEU A 223 4.86 -0.86 9.13
CA LEU A 223 6.01 -1.45 9.80
C LEU A 223 5.64 -2.60 10.70
N GLY A 224 4.36 -2.98 10.75
CA GLY A 224 3.97 -4.22 11.40
C GLY A 224 4.01 -5.47 10.51
N ALA A 225 4.23 -5.31 9.20
CA ALA A 225 4.15 -6.44 8.26
C ALA A 225 5.49 -7.15 8.19
N THR A 226 5.58 -8.36 8.77
CA THR A 226 6.70 -9.26 8.52
C THR A 226 6.26 -10.73 8.31
N ILE A 227 7.23 -11.56 7.96
CA ILE A 227 6.95 -12.97 7.74
C ILE A 227 6.39 -13.60 9.00
N ASP A 228 5.24 -14.26 8.86
CA ASP A 228 4.68 -15.10 9.92
C ASP A 228 4.61 -16.53 9.38
N LYS A 229 5.43 -17.43 9.93
CA LYS A 229 5.53 -18.80 9.44
C LYS A 229 4.22 -19.56 9.50
N ARG A 230 3.22 -19.10 10.24
CA ARG A 230 1.95 -19.83 10.23
C ARG A 230 1.19 -19.59 8.93
N VAL A 231 1.36 -18.42 8.32
CA VAL A 231 0.72 -18.14 7.05
C VAL A 231 1.33 -18.99 5.94
N LEU A 232 2.65 -19.18 6.00
CA LEU A 232 3.32 -20.06 5.03
C LEU A 232 2.86 -21.51 5.18
N ALA A 233 2.83 -22.01 6.43
CA ALA A 233 2.30 -23.35 6.64
C ALA A 233 0.87 -23.44 6.14
N TYR A 234 0.08 -22.41 6.37
CA TYR A 234 -1.33 -22.42 5.96
C TYR A 234 -1.44 -22.46 4.45
N MET A 235 -0.68 -21.64 3.73
CA MET A 235 -0.72 -21.69 2.27
C MET A 235 -0.25 -23.05 1.74
N GLU A 236 0.78 -23.62 2.35
CA GLU A 236 1.20 -24.97 1.95
C GLU A 236 0.04 -25.96 2.11
N LYS A 237 -0.54 -26.02 3.31
CA LYS A 237 -1.54 -27.05 3.53
C LYS A 237 -2.73 -26.88 2.61
N GLU A 238 -3.21 -25.65 2.46
CA GLU A 238 -4.45 -25.41 1.74
C GLU A 238 -4.22 -25.20 0.26
N LYS A 239 -2.96 -25.38 -0.19
CA LYS A 239 -2.54 -25.25 -1.60
C LYS A 239 -2.96 -23.89 -2.17
N ILE A 240 -2.79 -22.84 -1.36
CA ILE A 240 -3.18 -21.48 -1.72
C ILE A 240 -2.06 -20.81 -2.49
N ASP A 241 -2.38 -20.15 -3.60
CA ASP A 241 -1.38 -19.53 -4.46
C ASP A 241 -1.27 -18.04 -4.25
N PHE A 242 -2.31 -17.43 -3.67
CA PHE A 242 -2.33 -16.01 -3.39
C PHE A 242 -3.16 -15.78 -2.13
N LEU A 243 -2.63 -14.98 -1.19
CA LEU A 243 -3.30 -14.75 0.09
C LEU A 243 -3.22 -13.28 0.42
N MET A 244 -4.37 -12.67 0.68
CA MET A 244 -4.45 -11.31 1.17
C MET A 244 -4.78 -11.31 2.67
N GLU A 245 -3.96 -10.63 3.47
CA GLU A 245 -4.31 -10.41 4.88
C GLU A 245 -5.22 -9.20 4.97
N VAL A 246 -6.40 -9.34 5.54
CA VAL A 246 -7.26 -8.19 5.77
C VAL A 246 -7.42 -7.99 7.27
N CYS A 247 -7.74 -6.76 7.64
CA CYS A 247 -8.06 -6.37 9.01
C CYS A 247 -9.53 -6.04 9.13
N ARG A 248 -10.07 -6.31 10.30
CA ARG A 248 -11.38 -5.79 10.62
C ARG A 248 -11.32 -4.28 10.59
N ARG A 249 -12.18 -3.70 9.79
CA ARG A 249 -12.04 -2.30 9.47
C ARG A 249 -12.42 -1.44 10.67
N THR A 250 -11.61 -0.41 10.91
CA THR A 250 -11.84 0.59 11.94
C THR A 250 -12.23 1.92 11.31
N GLU A 251 -12.56 2.84 12.19
CA GLU A 251 -12.88 4.20 11.80
C GLU A 251 -11.73 4.88 11.06
N SER A 252 -10.48 4.51 11.35
CA SER A 252 -9.35 5.16 10.71
C SER A 252 -9.10 4.65 9.30
N ASP A 253 -9.79 3.59 8.89
CA ASP A 253 -9.49 2.91 7.62
C ASP A 253 -10.36 3.51 6.52
N LYS A 254 -9.90 4.63 5.97
CA LYS A 254 -10.61 5.37 4.94
C LYS A 254 -9.84 5.56 3.64
N LYS A 255 -8.51 5.41 3.63
CA LYS A 255 -7.70 5.49 2.42
C LYS A 255 -7.14 4.10 2.10
N GLY A 256 -7.64 3.48 1.05
CA GLY A 256 -7.23 2.10 0.72
C GLY A 256 -8.36 1.38 -0.02
N GLY A 257 -8.42 0.07 0.18
CA GLY A 257 -9.46 -0.73 -0.43
C GLY A 257 -9.96 -1.76 0.56
N HIS A 258 -11.13 -2.30 0.23
CA HIS A 258 -11.78 -3.32 1.05
C HIS A 258 -11.97 -4.56 0.23
N LEU A 259 -12.13 -5.68 0.91
CA LEU A 259 -12.43 -6.94 0.25
C LEU A 259 -13.89 -6.97 -0.20
N ALA A 260 -14.13 -7.65 -1.32
CA ALA A 260 -15.52 -7.95 -1.68
C ALA A 260 -15.56 -9.29 -2.38
N ARG A 261 -16.76 -9.76 -2.62
CA ARG A 261 -16.96 -11.03 -3.29
C ARG A 261 -17.92 -10.85 -4.46
N GLN A 262 -17.80 -11.72 -5.44
CA GLN A 262 -18.89 -11.98 -6.37
C GLN A 262 -19.24 -13.45 -6.25
N THR A 263 -20.36 -13.85 -6.83
CA THR A 263 -20.70 -15.26 -6.89
C THR A 263 -20.76 -15.64 -8.34
N VAL A 264 -19.83 -16.47 -8.74
CA VAL A 264 -19.79 -17.07 -10.06
C VAL A 264 -20.30 -18.49 -9.93
N TYR A 265 -21.20 -18.87 -10.82
CA TYR A 265 -21.80 -20.21 -10.80
C TYR A 265 -21.02 -21.06 -11.79
N VAL A 266 -20.33 -22.08 -11.29
CA VAL A 266 -19.77 -23.11 -12.14
C VAL A 266 -20.84 -24.19 -12.29
N LYS A 267 -21.40 -24.33 -13.47
CA LYS A 267 -22.47 -25.28 -13.63
C LYS A 267 -21.86 -26.62 -13.60
N GLY A 268 -22.43 -27.44 -12.76
CA GLY A 268 -21.88 -28.76 -12.56
C GLY A 268 -22.30 -29.80 -13.54
N LYS A 269 -21.30 -30.53 -13.96
CA LYS A 269 -21.50 -31.63 -14.88
C LYS A 269 -21.90 -32.88 -14.15
N ASP A 270 -22.42 -33.83 -14.91
CA ASP A 270 -22.74 -35.15 -14.47
C ASP A 270 -23.64 -35.44 -13.28
N GLY A 271 -24.74 -34.73 -13.16
CA GLY A 271 -25.66 -34.96 -12.08
C GLY A 271 -25.33 -34.29 -10.77
N GLN A 272 -24.27 -33.53 -10.75
CA GLN A 272 -23.89 -32.75 -9.60
C GLN A 272 -24.39 -31.38 -10.02
N PRO A 273 -25.15 -30.76 -9.15
CA PRO A 273 -25.72 -29.47 -9.48
C PRO A 273 -24.70 -28.33 -9.57
N ASP A 274 -25.12 -27.37 -10.32
CA ASP A 274 -24.34 -26.15 -10.43
C ASP A 274 -24.09 -25.58 -9.04
N ALA A 275 -22.81 -25.52 -8.66
CA ALA A 275 -22.38 -25.04 -7.37
C ALA A 275 -22.01 -23.56 -7.48
N GLU A 276 -22.67 -22.73 -6.68
CA GLU A 276 -22.23 -21.34 -6.55
C GLU A 276 -20.85 -21.34 -5.93
N LYS A 277 -19.99 -20.48 -6.41
CA LYS A 277 -18.64 -20.41 -5.88
C LYS A 277 -18.26 -18.95 -5.69
N ARG A 278 -17.77 -18.64 -4.50
CA ARG A 278 -17.37 -17.28 -4.20
C ARG A 278 -16.06 -16.96 -4.89
N VAL A 279 -15.98 -15.74 -5.41
CA VAL A 279 -14.73 -15.20 -5.94
C VAL A 279 -14.49 -13.85 -5.29
N LEU A 280 -13.25 -13.62 -4.91
CA LEU A 280 -12.82 -12.48 -4.12
C LEU A 280 -12.22 -11.40 -5.00
N LEU A 281 -12.34 -10.17 -4.53
CA LEU A 281 -11.86 -9.05 -5.32
C LEU A 281 -11.58 -7.88 -4.40
N LEU A 282 -10.77 -6.95 -4.88
CA LEU A 282 -10.40 -5.74 -4.17
C LEU A 282 -11.11 -4.56 -4.80
N ARG A 283 -11.63 -3.64 -3.97
CA ARG A 283 -12.14 -2.36 -4.47
C ARG A 283 -11.45 -1.25 -3.70
N GLU A 284 -10.50 -0.61 -4.38
CA GLU A 284 -9.80 0.60 -3.95
C GLU A 284 -10.78 1.75 -3.86
N SER A 285 -10.47 2.75 -3.05
CA SER A 285 -11.41 3.86 -3.02
C SER A 285 -11.58 4.43 -4.43
N ALA A 286 -10.52 4.47 -5.23
CA ALA A 286 -10.63 5.11 -6.53
C ALA A 286 -11.58 4.37 -7.47
N GLN A 287 -11.96 3.14 -7.15
CA GLN A 287 -12.86 2.37 -7.98
C GLN A 287 -14.31 2.46 -7.54
N CYS A 288 -14.55 3.00 -6.38
CA CYS A 288 -15.91 3.26 -5.98
C CYS A 288 -16.45 4.41 -6.81
N PRO A 289 -17.58 4.25 -7.47
CA PRO A 289 -18.23 5.42 -8.08
C PRO A 289 -18.34 6.52 -7.05
N LYS A 290 -17.78 7.69 -7.35
CA LYS A 290 -17.65 8.69 -6.30
C LYS A 290 -19.00 9.15 -5.80
N ALA A 291 -20.08 8.90 -6.53
CA ALA A 291 -21.41 9.19 -6.00
C ALA A 291 -21.87 8.19 -4.95
N ASP A 292 -21.16 7.08 -4.79
CA ASP A 292 -21.52 6.05 -3.83
C ASP A 292 -20.48 5.92 -2.75
N MET A 293 -19.65 6.95 -2.54
CA MET A 293 -18.60 6.77 -1.56
C MET A 293 -19.17 6.36 -0.22
N GLU A 294 -20.36 6.81 0.15
CA GLU A 294 -20.79 6.47 1.48
C GLU A 294 -20.92 4.96 1.65
N SER A 295 -21.25 4.24 0.58
CA SER A 295 -21.21 2.78 0.66
C SER A 295 -19.78 2.29 0.88
N PHE A 296 -18.84 2.78 0.09
CA PHE A 296 -17.46 2.39 0.29
C PHE A 296 -17.00 2.65 1.70
N GLN A 297 -17.41 3.78 2.28
CA GLN A 297 -16.94 4.19 3.61
C GLN A 297 -17.72 3.57 4.77
N ASP A 298 -18.85 2.94 4.52
CA ASP A 298 -19.61 2.27 5.58
C ASP A 298 -18.83 1.04 6.05
N ILE A 299 -18.15 1.17 7.20
CA ILE A 299 -17.28 0.08 7.66
C ILE A 299 -18.04 -1.13 8.18
N ASN A 300 -19.35 -1.03 8.33
CA ASN A 300 -20.06 -2.25 8.64
C ASN A 300 -20.34 -3.05 7.38
N LYS A 301 -20.71 -2.37 6.30
CA LYS A 301 -21.02 -3.07 5.06
C LYS A 301 -19.80 -3.86 4.57
N TYR A 302 -18.68 -3.18 4.38
CA TYR A 302 -17.43 -3.78 3.92
C TYR A 302 -16.45 -3.66 5.06
N SER A 303 -16.46 -4.65 5.96
CA SER A 303 -15.67 -4.59 7.16
C SER A 303 -14.31 -5.27 7.04
N PHE A 304 -13.90 -5.77 5.86
CA PHE A 304 -12.57 -6.34 5.74
C PHE A 304 -11.70 -5.42 4.89
N PHE A 305 -10.77 -4.74 5.55
CA PHE A 305 -9.89 -3.77 4.92
C PHE A 305 -8.61 -4.47 4.48
N ASN A 306 -8.23 -4.28 3.21
CA ASN A 306 -6.95 -4.80 2.73
C ASN A 306 -5.77 -4.15 3.47
N THR A 307 -4.87 -4.98 4.02
CA THR A 307 -3.64 -4.49 4.65
C THR A 307 -2.54 -4.22 3.64
N ASN A 308 -2.67 -4.81 2.44
CA ASN A 308 -1.62 -4.94 1.42
C ASN A 308 -0.47 -5.78 1.91
N ASN A 309 -0.65 -6.56 2.99
CA ASN A 309 0.26 -7.67 3.29
C ASN A 309 -0.18 -8.87 2.46
N LEU A 310 0.61 -9.20 1.42
CA LEU A 310 0.22 -10.09 0.33
C LEU A 310 1.23 -11.21 0.20
N TRP A 311 0.75 -12.44 -0.03
CA TRP A 311 1.62 -13.59 -0.24
C TRP A 311 1.34 -14.21 -1.61
N ILE A 312 2.38 -14.38 -2.41
CA ILE A 312 2.27 -14.88 -3.79
C ILE A 312 3.14 -16.11 -3.94
N ARG A 313 2.58 -17.17 -4.55
CA ARG A 313 3.35 -18.36 -4.85
C ARG A 313 4.07 -18.13 -6.18
N LEU A 314 5.38 -17.89 -6.14
CA LEU A 314 6.07 -17.36 -7.32
C LEU A 314 5.94 -18.23 -8.58
N PRO A 315 6.17 -19.54 -8.52
CA PRO A 315 5.99 -20.35 -9.75
C PRO A 315 4.61 -20.22 -10.38
N VAL A 316 3.54 -20.10 -9.58
CA VAL A 316 2.19 -20.01 -10.14
C VAL A 316 1.95 -18.62 -10.73
N LEU A 317 2.46 -17.57 -10.09
CA LEU A 317 2.38 -16.26 -10.68
C LEU A 317 3.08 -16.26 -12.03
N LEU A 318 4.25 -16.87 -12.09
CA LEU A 318 5.01 -16.95 -13.33
C LEU A 318 4.23 -17.73 -14.40
N GLU A 319 3.70 -18.90 -14.03
CA GLU A 319 2.90 -19.70 -14.98
C GLU A 319 1.75 -18.88 -15.51
N THR A 320 1.06 -18.19 -14.61
CA THR A 320 -0.15 -17.48 -14.99
C THR A 320 0.15 -16.36 -15.95
N MET A 321 1.22 -15.61 -15.68
CA MET A 321 1.59 -14.53 -16.58
C MET A 321 2.06 -15.04 -17.93
N GLN A 322 2.84 -16.15 -17.95
CA GLN A 322 3.19 -16.75 -19.24
C GLN A 322 1.93 -17.09 -20.03
N GLU A 323 0.93 -17.65 -19.36
CA GLU A 323 -0.24 -18.14 -20.07
C GLU A 323 -1.24 -17.04 -20.39
N HIS A 324 -1.01 -15.81 -19.93
CA HIS A 324 -1.83 -14.67 -20.31
C HIS A 324 -0.99 -13.67 -21.08
N GLY A 325 -0.21 -14.15 -22.04
CA GLY A 325 0.49 -13.25 -22.94
C GLY A 325 1.62 -12.50 -22.32
N GLY A 326 2.25 -13.06 -21.29
CA GLY A 326 3.30 -12.37 -20.59
C GLY A 326 2.81 -11.16 -19.78
N THR A 327 1.60 -11.24 -19.20
CA THR A 327 1.08 -10.14 -18.41
C THR A 327 0.20 -10.71 -17.31
N LEU A 328 -0.08 -9.88 -16.32
CA LEU A 328 -1.13 -10.21 -15.37
C LEU A 328 -2.25 -9.21 -15.59
N PRO A 329 -3.41 -9.62 -16.03
CA PRO A 329 -4.46 -8.69 -16.49
C PRO A 329 -5.27 -8.09 -15.35
N LEU A 330 -4.60 -7.41 -14.42
CA LEU A 330 -5.26 -6.74 -13.32
C LEU A 330 -6.28 -5.74 -13.86
N PRO A 331 -7.39 -5.50 -13.13
CA PRO A 331 -8.35 -4.47 -13.55
C PRO A 331 -7.71 -3.11 -13.55
N VAL A 332 -7.93 -2.34 -14.60
CA VAL A 332 -7.31 -1.02 -14.71
C VAL A 332 -8.07 -0.03 -13.85
N ILE A 333 -7.32 0.92 -13.30
CA ILE A 333 -7.87 2.02 -12.55
C ILE A 333 -7.56 3.30 -13.33
N ARG A 334 -8.58 4.02 -13.71
CA ARG A 334 -8.42 5.11 -14.64
C ARG A 334 -8.39 6.40 -13.83
N ASN A 335 -7.20 6.78 -13.43
CA ASN A 335 -7.02 7.88 -12.49
C ASN A 335 -6.90 9.21 -13.26
N GLU A 336 -7.65 10.23 -12.82
CA GLU A 336 -7.73 11.52 -13.52
C GLU A 336 -6.80 12.54 -12.87
N LYS A 337 -6.00 13.22 -13.69
CA LYS A 337 -5.07 14.26 -13.24
C LYS A 337 -4.84 15.23 -14.39
N THR A 338 -3.95 16.19 -14.17
CA THR A 338 -3.37 17.02 -15.21
C THR A 338 -1.90 16.63 -15.36
N VAL A 339 -1.31 16.91 -16.53
CA VAL A 339 0.03 16.36 -16.83
C VAL A 339 1.06 16.82 -15.80
N ASP A 340 1.06 18.12 -15.52
CA ASP A 340 1.72 18.67 -14.36
C ASP A 340 0.61 18.69 -13.31
N SER A 341 0.70 17.78 -12.35
CA SER A 341 -0.34 17.71 -11.33
C SER A 341 -0.42 18.98 -10.52
N SER A 342 0.69 19.74 -10.46
CA SER A 342 0.71 21.03 -9.75
C SER A 342 -0.11 22.07 -10.48
N ASN A 343 -0.10 22.04 -11.82
CA ASN A 343 -0.58 23.13 -12.65
C ASN A 343 -1.90 22.69 -13.27
N SER A 344 -2.97 23.17 -12.71
CA SER A 344 -4.26 22.75 -13.22
C SER A 344 -4.63 23.42 -14.52
N ALA A 345 -3.81 24.33 -15.02
CA ALA A 345 -4.01 24.74 -16.39
C ALA A 345 -3.41 23.75 -17.41
N SER A 346 -2.74 22.69 -16.99
CA SER A 346 -2.09 21.80 -17.95
C SER A 346 -3.08 20.76 -18.46
N PRO A 347 -2.72 20.04 -19.53
CA PRO A 347 -3.69 19.13 -20.18
C PRO A 347 -4.22 18.07 -19.22
N LYS A 348 -5.54 17.77 -19.30
CA LYS A 348 -6.09 16.67 -18.51
C LYS A 348 -5.68 15.33 -19.09
N VAL A 349 -5.30 14.39 -18.22
CA VAL A 349 -4.82 13.09 -18.68
C VAL A 349 -5.51 12.00 -17.87
N TYR A 350 -5.47 10.80 -18.41
CA TYR A 350 -5.67 9.62 -17.58
C TYR A 350 -4.31 9.01 -17.26
N GLN A 351 -4.14 8.54 -16.03
CA GLN A 351 -3.02 7.70 -15.65
C GLN A 351 -3.60 6.32 -15.35
N LEU A 352 -3.21 5.35 -16.15
CA LEU A 352 -3.67 3.98 -15.96
C LEU A 352 -2.82 3.32 -14.88
N GLU A 353 -3.47 2.76 -13.85
CA GLU A 353 -2.78 2.17 -12.71
C GLU A 353 -3.43 0.85 -12.37
N THR A 354 -2.73 0.06 -11.57
CA THR A 354 -3.34 -1.12 -10.98
C THR A 354 -2.87 -1.24 -9.56
N ALA A 355 -3.61 -2.00 -8.75
CA ALA A 355 -3.25 -2.22 -7.35
C ALA A 355 -2.85 -3.66 -7.15
N MET A 356 -1.73 -3.90 -6.47
CA MET A 356 -1.25 -5.29 -6.41
C MET A 356 -2.23 -6.22 -5.68
N GLY A 357 -3.07 -5.69 -4.79
CA GLY A 357 -4.01 -6.57 -4.15
C GLY A 357 -5.12 -7.01 -5.08
N ALA A 358 -5.23 -6.37 -6.24
CA ALA A 358 -6.22 -6.81 -7.19
C ALA A 358 -5.90 -8.18 -7.75
N ALA A 359 -4.69 -8.69 -7.52
CA ALA A 359 -4.36 -10.01 -8.04
C ALA A 359 -5.13 -11.12 -7.36
N ILE A 360 -5.88 -10.82 -6.29
CA ILE A 360 -6.71 -11.83 -5.65
C ILE A 360 -7.78 -12.37 -6.59
N ALA A 361 -8.12 -11.66 -7.61
CA ALA A 361 -9.06 -12.14 -8.53
C ALA A 361 -8.41 -12.96 -9.63
N MET A 362 -7.12 -13.07 -9.62
CA MET A 362 -6.40 -13.71 -10.67
C MET A 362 -6.02 -15.18 -10.55
N PHE A 363 -6.14 -15.74 -9.37
CA PHE A 363 -5.78 -17.10 -9.12
C PHE A 363 -6.96 -17.92 -8.64
N GLU A 364 -7.06 -19.11 -9.13
CA GLU A 364 -8.14 -20.00 -8.79
C GLU A 364 -8.20 -20.22 -7.28
N SER A 365 -7.05 -20.43 -6.66
CA SER A 365 -7.06 -20.70 -5.22
C SER A 365 -6.54 -19.51 -4.44
N ALA A 366 -7.00 -18.33 -4.79
CA ALA A 366 -6.69 -17.14 -4.03
C ALA A 366 -7.64 -17.07 -2.83
N SER A 367 -7.10 -16.61 -1.70
CA SER A 367 -7.95 -16.41 -0.54
C SER A 367 -7.53 -15.15 0.19
N ALA A 368 -8.26 -14.88 1.27
CA ALA A 368 -7.97 -13.82 2.20
C ALA A 368 -8.06 -14.38 3.60
N ILE A 369 -7.30 -13.79 4.51
CA ILE A 369 -7.28 -14.22 5.90
C ILE A 369 -7.41 -12.97 6.76
N VAL A 370 -8.18 -13.06 7.86
CA VAL A 370 -8.27 -11.94 8.79
C VAL A 370 -7.07 -12.00 9.72
N VAL A 371 -6.42 -10.86 9.90
CA VAL A 371 -5.26 -10.75 10.77
C VAL A 371 -5.56 -9.72 11.85
N PRO A 372 -4.92 -9.83 13.01
CA PRO A 372 -5.09 -8.81 14.04
C PRO A 372 -4.38 -7.55 13.63
N ARG A 373 -4.72 -6.48 14.33
CA ARG A 373 -4.26 -5.16 13.96
C ARG A 373 -2.76 -4.97 14.18
N PHE A 374 -2.08 -5.84 14.92
CA PHE A 374 -0.64 -5.66 15.07
C PHE A 374 0.16 -6.00 13.82
N ARG A 375 -0.48 -6.41 12.71
CA ARG A 375 0.21 -6.58 11.44
C ARG A 375 -0.02 -5.43 10.47
N PHE A 376 -0.71 -4.36 10.93
CA PHE A 376 -1.15 -3.27 10.07
C PHE A 376 -1.04 -1.96 10.86
N ALA A 377 0.00 -1.17 10.59
CA ALA A 377 0.15 0.18 11.15
C ALA A 377 0.42 1.14 10.01
N PRO A 378 -0.62 1.53 9.28
CA PRO A 378 -0.40 2.26 8.03
C PRO A 378 -0.14 3.72 8.34
N VAL A 379 0.40 4.42 7.36
CA VAL A 379 0.63 5.85 7.47
C VAL A 379 0.25 6.44 6.13
N LYS A 380 -1.01 6.82 5.94
CA LYS A 380 -1.40 7.52 4.72
C LYS A 380 -1.37 9.05 4.86
N THR A 381 -1.47 9.57 6.08
CA THR A 381 -1.68 10.99 6.37
C THR A 381 -0.79 11.37 7.54
N CYS A 382 -0.65 12.68 7.80
CA CYS A 382 0.10 13.08 9.00
C CYS A 382 -0.64 12.73 10.28
N ALA A 383 -1.98 12.65 10.21
CA ALA A 383 -2.74 12.12 11.35
C ALA A 383 -2.28 10.71 11.73
N ASP A 384 -2.06 9.83 10.72
CA ASP A 384 -1.48 8.51 11.01
C ASP A 384 -0.08 8.66 11.58
N LEU A 385 0.74 9.54 11.01
CA LEU A 385 2.11 9.67 11.48
C LEU A 385 2.14 10.16 12.91
N LEU A 386 1.17 10.97 13.32
CA LEU A 386 1.12 11.40 14.72
C LEU A 386 0.88 10.20 15.61
N ALA A 387 -0.14 9.40 15.29
CA ALA A 387 -0.43 8.21 16.07
C ALA A 387 0.79 7.29 16.12
N LEU A 388 1.43 7.02 14.95
CA LEU A 388 2.59 6.15 14.92
C LEU A 388 3.74 6.69 15.78
N ARG A 389 3.98 8.00 15.74
CA ARG A 389 5.14 8.53 16.46
C ARG A 389 4.93 8.49 17.97
N SER A 390 3.69 8.52 18.42
CA SER A 390 3.44 8.70 19.84
C SER A 390 3.69 7.38 20.54
N ASP A 391 3.26 7.29 21.79
CA ASP A 391 3.50 6.11 22.60
C ASP A 391 2.40 5.07 22.43
N ALA A 392 1.39 5.39 21.61
CA ALA A 392 0.41 4.37 21.27
C ALA A 392 1.04 3.24 20.49
N TYR A 393 2.14 3.49 19.76
CA TYR A 393 2.84 2.43 19.02
C TYR A 393 4.16 2.13 19.72
N VAL A 394 4.44 0.84 19.87
CA VAL A 394 5.62 0.35 20.56
C VAL A 394 6.47 -0.42 19.56
N VAL A 395 7.76 -0.56 19.88
CA VAL A 395 8.72 -1.28 19.06
C VAL A 395 8.88 -2.69 19.60
N THR A 396 8.69 -3.68 18.73
CA THR A 396 8.90 -5.04 19.22
C THR A 396 10.39 -5.42 19.17
N ASP A 397 10.71 -6.53 19.81
CA ASP A 397 12.06 -7.09 19.70
C ASP A 397 12.45 -7.30 18.24
N ASP A 398 11.56 -7.89 17.45
CA ASP A 398 11.83 -8.08 16.04
C ASP A 398 11.59 -6.83 15.19
N PHE A 399 11.40 -5.65 15.81
CA PHE A 399 11.48 -4.34 15.15
C PHE A 399 10.25 -3.99 14.32
N ARG A 400 9.12 -4.60 14.62
CA ARG A 400 7.84 -4.10 14.16
C ARG A 400 7.36 -2.97 15.08
N LEU A 401 6.65 -2.02 14.49
CA LEU A 401 5.83 -1.11 15.27
C LEU A 401 4.44 -1.72 15.40
N VAL A 402 3.96 -1.81 16.63
CA VAL A 402 2.65 -2.32 16.93
C VAL A 402 1.89 -1.51 17.95
N LEU A 403 0.57 -1.52 17.82
CA LEU A 403 -0.31 -0.81 18.73
C LEU A 403 -0.14 -1.45 20.09
N ASP A 404 -0.11 -0.61 21.13
CA ASP A 404 0.05 -1.12 22.50
C ASP A 404 -1.15 -1.97 22.87
N ASP A 405 -0.99 -2.95 23.75
CA ASP A 405 -2.08 -3.82 24.13
C ASP A 405 -3.29 -3.13 24.76
N ARG A 406 -3.10 -2.03 25.41
CA ARG A 406 -4.15 -1.30 26.00
C ARG A 406 -5.23 -0.92 25.01
N CYS A 407 -4.85 -0.63 23.78
CA CYS A 407 -5.75 -0.18 22.79
C CYS A 407 -6.76 -1.18 22.37
N HIS A 408 -6.55 -2.44 22.72
CA HIS A 408 -7.47 -3.47 22.27
C HIS A 408 -7.62 -3.44 20.77
N GLY A 409 -6.51 -3.25 20.05
CA GLY A 409 -6.56 -3.26 18.62
C GLY A 409 -7.27 -2.10 18.00
N HIS A 410 -7.56 -1.05 18.78
CA HIS A 410 -8.17 0.15 18.22
C HIS A 410 -7.18 1.30 18.26
N PRO A 411 -6.66 1.76 17.11
CA PRO A 411 -5.74 2.90 17.16
C PRO A 411 -6.45 4.11 17.67
N PRO A 412 -5.76 5.00 18.39
CA PRO A 412 -6.33 6.31 18.71
C PRO A 412 -6.82 7.00 17.46
N VAL A 413 -8.04 7.54 17.50
CA VAL A 413 -8.64 8.13 16.32
C VAL A 413 -8.18 9.58 16.24
N VAL A 414 -7.25 9.85 15.32
CA VAL A 414 -6.62 11.15 15.19
C VAL A 414 -7.29 11.90 14.06
N ASP A 415 -7.67 13.15 14.36
CA ASP A 415 -8.34 14.05 13.42
C ASP A 415 -7.62 15.39 13.51
N LEU A 416 -6.76 15.66 12.53
CA LEU A 416 -6.06 16.93 12.43
C LEU A 416 -6.67 17.80 11.34
N ASP A 417 -6.86 19.07 11.68
CA ASP A 417 -7.30 20.12 10.78
C ASP A 417 -6.46 20.14 9.54
N SER A 418 -7.10 19.93 8.39
CA SER A 418 -6.34 19.75 7.16
C SER A 418 -5.83 21.07 6.61
N ALA A 419 -6.28 22.19 7.17
CA ALA A 419 -5.77 23.48 6.73
C ALA A 419 -4.34 23.67 7.20
N HIS A 420 -4.01 23.03 8.29
CA HIS A 420 -2.78 23.30 9.01
C HIS A 420 -1.85 22.11 9.08
N TYR A 421 -2.38 20.89 9.12
CA TYR A 421 -1.56 19.73 9.39
C TYR A 421 -1.54 18.71 8.25
N LYS A 422 -2.21 18.97 7.13
CA LYS A 422 -2.20 18.01 6.03
C LYS A 422 -0.83 17.89 5.41
N MET A 423 -0.14 19.00 5.21
CA MET A 423 1.25 19.04 4.77
C MET A 423 2.22 18.72 5.90
N MET A 424 3.39 18.21 5.53
CA MET A 424 4.36 17.76 6.52
C MET A 424 4.95 18.94 7.28
N ASN A 425 5.15 20.07 6.62
CA ASN A 425 5.71 21.22 7.33
C ASN A 425 4.77 21.68 8.44
N GLY A 426 3.46 21.71 8.17
CA GLY A 426 2.50 22.11 9.19
C GLY A 426 2.44 21.12 10.33
N PHE A 427 2.31 19.83 10.01
CA PHE A 427 2.33 18.82 11.06
C PHE A 427 3.62 18.88 11.86
N GLU A 428 4.76 19.16 11.19
CA GLU A 428 6.01 19.24 11.93
C GLU A 428 6.00 20.36 12.99
N LYS A 429 5.32 21.48 12.73
CA LYS A 429 5.27 22.47 13.78
C LYS A 429 4.34 22.05 14.91
N LEU A 430 3.32 21.24 14.59
CA LEU A 430 2.36 20.83 15.60
C LEU A 430 3.05 20.10 16.74
N VAL A 431 4.00 19.21 16.41
CA VAL A 431 4.75 18.43 17.39
C VAL A 431 6.15 18.97 17.61
N GLN A 432 6.43 20.19 17.13
CA GLN A 432 7.69 20.88 17.42
C GLN A 432 8.26 20.61 18.81
N HIS A 433 7.46 20.71 19.86
CA HIS A 433 8.02 20.63 21.21
C HIS A 433 7.74 19.31 21.90
N GLY A 434 7.25 18.34 21.19
CA GLY A 434 7.00 17.04 21.76
C GLY A 434 5.83 16.39 21.05
N VAL A 435 5.85 15.07 21.05
CA VAL A 435 4.70 14.28 20.66
C VAL A 435 3.91 13.97 21.93
N PRO A 436 2.61 14.22 21.95
CA PRO A 436 1.83 13.87 23.13
C PRO A 436 1.73 12.36 23.35
N SER A 437 1.64 12.00 24.63
CA SER A 437 1.26 10.63 25.00
C SER A 437 -0.18 10.37 24.57
N LEU A 438 -0.36 9.29 23.83
CA LEU A 438 -1.64 9.01 23.22
C LEU A 438 -2.17 7.63 23.56
N VAL A 439 -1.38 6.80 24.24
CA VAL A 439 -1.74 5.41 24.40
C VAL A 439 -3.13 5.29 25.00
N GLU A 440 -3.46 6.18 25.94
CA GLU A 440 -4.76 6.23 26.61
C GLU A 440 -5.78 7.12 25.90
N CYS A 441 -5.49 7.61 24.69
CA CYS A 441 -6.40 8.52 24.00
C CYS A 441 -7.23 7.74 22.97
N LYS A 442 -8.54 7.71 23.19
CA LYS A 442 -9.44 7.08 22.23
C LYS A 442 -9.69 7.97 21.00
N ARG A 443 -9.49 9.28 21.13
CA ARG A 443 -9.71 10.19 20.01
C ARG A 443 -9.23 11.57 20.36
N VAL A 444 -8.39 12.15 19.50
CA VAL A 444 -7.91 13.51 19.67
C VAL A 444 -8.23 14.25 18.39
N THR A 445 -8.92 15.36 18.50
CA THR A 445 -9.28 16.17 17.36
C THR A 445 -8.63 17.53 17.54
N VAL A 446 -7.91 18.00 16.53
CA VAL A 446 -7.26 19.32 16.63
C VAL A 446 -7.89 20.25 15.62
N LYS A 447 -8.37 21.39 16.10
CA LYS A 447 -9.04 22.36 15.26
C LYS A 447 -8.26 23.67 15.34
N GLY A 448 -7.98 24.26 14.18
CA GLY A 448 -7.26 25.50 14.11
C GLY A 448 -5.79 25.30 14.43
N LEU A 449 -5.08 26.42 14.39
CA LEU A 449 -3.62 26.38 14.51
C LEU A 449 -3.26 26.16 15.97
N VAL A 450 -2.40 25.17 16.22
CA VAL A 450 -2.22 24.65 17.57
C VAL A 450 -0.80 24.09 17.65
N GLN A 451 -0.22 24.13 18.85
CA GLN A 451 1.08 23.52 19.09
C GLN A 451 1.06 22.70 20.38
N PHE A 452 1.47 21.43 20.33
CA PHE A 452 1.62 20.68 21.58
C PHE A 452 2.78 21.25 22.38
N GLY A 453 2.65 21.17 23.70
CA GLY A 453 3.77 21.38 24.59
C GLY A 453 4.56 20.10 24.79
N ALA A 454 5.58 20.17 25.61
CA ALA A 454 6.29 18.96 25.99
C ALA A 454 5.50 18.22 27.05
N GLY A 455 5.62 16.88 27.04
CA GLY A 455 5.07 16.03 28.07
C GLY A 455 3.57 16.16 28.26
N ASN A 456 2.83 16.42 27.20
CA ASN A 456 1.39 16.43 27.31
C ASN A 456 0.89 14.98 27.35
N VAL A 457 -0.10 14.70 28.20
CA VAL A 457 -0.73 13.38 28.25
C VAL A 457 -2.20 13.53 27.91
N LEU A 458 -2.66 12.80 26.92
CA LEU A 458 -4.06 12.86 26.51
C LEU A 458 -4.75 11.56 26.87
N THR A 459 -5.89 11.65 27.54
CA THR A 459 -6.67 10.47 27.78
C THR A 459 -8.13 10.71 27.42
N GLY A 460 -8.80 9.63 27.03
CA GLY A 460 -10.21 9.66 26.66
C GLY A 460 -10.43 10.33 25.33
N THR A 461 -11.52 11.07 25.21
CA THR A 461 -11.79 11.90 24.04
C THR A 461 -11.33 13.34 24.31
N VAL A 462 -10.29 13.79 23.63
CA VAL A 462 -9.75 15.14 23.83
C VAL A 462 -9.92 15.92 22.55
N THR A 463 -10.45 17.13 22.65
CA THR A 463 -10.44 18.04 21.52
C THR A 463 -9.68 19.29 21.91
N ILE A 464 -8.81 19.73 21.02
CA ILE A 464 -8.14 21.01 21.18
C ILE A 464 -8.61 21.90 20.06
N GLU A 465 -9.16 23.07 20.42
CA GLU A 465 -9.80 23.94 19.43
C GLU A 465 -9.36 25.38 19.60
N ASN A 466 -9.03 26.00 18.48
CA ASN A 466 -8.71 27.43 18.41
C ASN A 466 -9.70 28.04 17.42
N THR A 467 -10.70 28.73 17.94
CA THR A 467 -11.64 29.49 17.12
C THR A 467 -10.98 30.70 16.47
N ASP A 468 -9.88 31.19 17.05
CA ASP A 468 -9.40 32.52 16.73
C ASP A 468 -8.85 32.61 15.32
N SER A 469 -8.21 31.55 14.84
CA SER A 469 -7.79 31.41 13.43
C SER A 469 -6.75 32.46 13.00
N ALA A 470 -5.91 32.91 13.95
CA ALA A 470 -4.89 33.93 13.67
C ALA A 470 -3.59 33.63 14.42
N SER A 471 -3.71 33.35 15.71
CA SER A 471 -2.54 33.09 16.55
C SER A 471 -2.56 31.61 16.92
N ALA A 472 -1.37 31.04 17.12
CA ALA A 472 -1.29 29.66 17.54
C ALA A 472 -1.76 29.53 18.99
N PHE A 473 -2.54 28.49 19.26
CA PHE A 473 -2.92 28.11 20.61
C PHE A 473 -1.88 27.12 21.12
N VAL A 474 -1.00 27.57 22.01
CA VAL A 474 0.14 26.75 22.44
C VAL A 474 -0.21 26.10 23.77
N ILE A 475 0.18 24.85 23.96
CA ILE A 475 -0.21 24.10 25.15
C ILE A 475 0.95 24.03 26.12
N PRO A 476 0.72 24.27 27.42
CA PRO A 476 1.84 24.34 28.38
C PRO A 476 2.37 22.96 28.69
N ASP A 477 3.68 22.90 28.93
CA ASP A 477 4.31 21.63 29.23
C ASP A 477 3.54 20.94 30.35
N GLY A 478 3.50 19.62 30.32
CA GLY A 478 2.85 18.87 31.38
C GLY A 478 1.35 18.75 31.30
N ALA A 479 0.68 19.47 30.39
CA ALA A 479 -0.78 19.43 30.36
C ALA A 479 -1.30 18.01 30.22
N LYS A 480 -2.34 17.67 30.97
CA LYS A 480 -2.98 16.37 30.86
C LYS A 480 -4.46 16.58 30.56
N LEU A 481 -4.87 16.38 29.30
CA LEU A 481 -6.25 16.60 28.90
C LEU A 481 -7.00 15.28 28.93
N ASN A 482 -8.15 15.27 29.62
CA ASN A 482 -8.93 14.06 29.81
C ASN A 482 -10.41 14.35 29.58
N ASP A 483 -10.98 13.67 28.59
CA ASP A 483 -12.39 13.76 28.18
C ASP A 483 -12.85 15.21 28.12
N THR A 484 -12.10 16.03 27.40
CA THR A 484 -12.31 17.46 27.49
C THR A 484 -12.07 18.13 26.14
N THR A 485 -12.52 19.39 26.06
CA THR A 485 -12.24 20.26 24.93
C THR A 485 -11.41 21.43 25.46
N ALA A 486 -10.18 21.54 24.98
CA ALA A 486 -9.30 22.60 25.44
C ALA A 486 -9.25 23.74 24.43
N SER A 487 -9.17 24.96 24.95
CA SER A 487 -9.29 26.19 24.17
C SER A 487 -8.42 27.28 24.78
N PRO A 488 -8.01 28.27 23.97
CA PRO A 488 -7.37 29.47 24.53
C PRO A 488 -8.19 30.05 25.67
N1 UPG B . 3.64 2.51 -4.33
C2 UPG B . 4.57 2.14 -5.26
N3 UPG B . 4.35 2.46 -6.50
C4 UPG B . 3.30 3.09 -6.88
C5 UPG B . 2.37 3.47 -5.92
C6 UPG B . 2.57 3.15 -4.68
O2 UPG B . 5.53 1.54 -5.04
O4 UPG B . 3.24 3.30 -7.97
C1C UPG B . 3.87 2.14 -2.97
C2C UPG B . 3.72 3.31 -2.03
O2C UPG B . 4.84 3.88 -1.94
C3C UPG B . 3.33 2.53 -0.78
C4C UPG B . 2.58 1.43 -1.33
O4C UPG B . 2.92 1.30 -2.63
O3C UPG B . 4.34 1.97 -0.16
C5C UPG B . 1.09 1.71 -1.24
O5C UPG B . 0.73 2.92 -1.65
PA UPG B . -0.33 3.84 -0.82
O1A UPG B . -0.56 4.88 -1.73
O2A UPG B . 0.39 4.09 0.30
O3A UPG B . -1.61 3.12 -0.59
PB UPG B . -2.77 2.83 -1.41
O1B UPG B . -2.34 2.41 -2.67
O2B UPG B . -3.79 3.73 -1.45
O3B UPG B . -3.51 1.50 -0.83
C1' UPG B . -2.95 0.32 -0.55
C2' UPG B . -3.74 -0.79 -1.13
C3' UPG B . -5.12 -0.77 -0.48
C4' UPG B . -4.90 -1.03 0.99
C5' UPG B . -3.98 0.08 1.51
C6' UPG B . -3.75 -0.14 2.97
O2' UPG B . -3.96 -0.61 -2.37
O3' UPG B . -5.90 -1.73 -0.96
O4' UPG B . -6.02 -0.88 1.66
O5' UPG B . -2.85 0.05 0.80
O6' UPG B . -2.88 0.62 3.51
C1 EDO C . 15.82 -21.35 -2.03
O1 EDO C . 15.76 -22.75 -2.01
C2 EDO C . 17.12 -20.96 -1.44
O2 EDO C . 17.79 -20.00 -2.23
H11 EDO C . 15.74 -20.98 -3.06
H12 EDO C . 15.00 -20.93 -1.45
HO1 EDO C . 14.86 -23.04 -2.21
H21 EDO C . 16.95 -20.56 -0.44
H22 EDO C . 17.75 -21.85 -1.33
HO2 EDO C . 18.66 -19.82 -1.84
C1 EDO D . 11.61 8.08 -19.38
O1 EDO D . 10.95 6.80 -19.50
C2 EDO D . 11.30 8.74 -18.00
O2 EDO D . 11.81 10.08 -17.79
H11 EDO D . 12.68 7.96 -19.49
H12 EDO D . 11.27 8.75 -20.18
HO1 EDO D . 11.16 6.41 -20.37
H21 EDO D . 10.22 8.75 -17.86
H22 EDO D . 11.71 8.09 -17.22
HO2 EDO D . 11.56 10.39 -16.91
C1 EDO E . 6.31 -16.82 12.88
O1 EDO E . 5.32 -17.36 13.79
C2 EDO E . 7.41 -16.08 13.65
O2 EDO E . 8.55 -15.84 12.79
H11 EDO E . 6.76 -17.64 12.30
H12 EDO E . 5.82 -16.14 12.18
HO1 EDO E . 4.64 -17.82 13.28
H21 EDO E . 7.02 -15.12 14.01
H22 EDO E . 7.71 -16.66 14.51
HO2 EDO E . 9.22 -15.36 13.30
#